data_4KKG
#
_entry.id   4KKG
#
_cell.length_a   50.590
_cell.length_b   71.732
_cell.length_c   107.569
_cell.angle_alpha   90.00
_cell.angle_beta   90.00
_cell.angle_gamma   90.00
#
_symmetry.space_group_name_H-M   'P 21 21 21'
#
loop_
_entity.id
_entity.type
_entity.pdbx_description
1 polymer 'Mitogen-activated protein kinase 10'
2 water water
#
_entity_poly.entity_id   1
_entity_poly.type   'polypeptide(L)'
_entity_poly.pdbx_seq_one_letter_code
;MGSKSKVDNQFYSVEVGDSTFTVLKRYQNLKPIGSGAQGIVCAAYDAVLDRNVAIKKLSRPFQNQTHAKRAYRELVLMKC
VNHKNIISLLNVFTPQKTLEEFQDVYLVMELMDANLCQVIQMELDHERMSYLLYQMLCGIKHLHSAGIIHRDLKPSNIVV
KSDCTLKILDFGLARTAGTSFMMTPYVVTRYYRAPEVILGMGYKENVDIWSVGCIMGEMVRHKILFPGRDYIDQWNKVIE
QLGTPCPEFMKKLQPTVRNYVENRPKYAGLTFPKLFPDSLFPADSEHNKLKASQARDLLSKMLVIDPAKRISVDDALQHP
YINVWYDPAEVEAPPPQIYDKQLDEREHTIEEWKELIYKEVMNSE
;
_entity_poly.pdbx_strand_id   A
#
# COMPACT_ATOMS: atom_id res chain seq x y z
N ASP A 8 10.05 21.47 -34.15
CA ASP A 8 9.27 21.46 -32.88
C ASP A 8 8.94 20.04 -32.43
N ASN A 9 9.15 19.77 -31.15
CA ASN A 9 8.57 18.62 -30.49
C ASN A 9 8.02 19.06 -29.13
N GLN A 10 7.01 18.35 -28.65
CA GLN A 10 6.33 18.69 -27.41
C GLN A 10 7.16 18.34 -26.18
N PHE A 11 8.31 17.72 -26.39
CA PHE A 11 9.09 17.09 -25.32
C PHE A 11 10.48 17.67 -25.19
N TYR A 12 11.04 17.58 -23.99
CA TYR A 12 12.45 17.86 -23.79
C TYR A 12 13.06 16.80 -22.88
N SER A 13 14.39 16.66 -22.93
CA SER A 13 15.12 15.59 -22.26
C SER A 13 16.18 16.11 -21.29
N VAL A 14 16.21 15.53 -20.10
CA VAL A 14 17.17 15.93 -19.08
C VAL A 14 17.52 14.75 -18.17
N GLU A 15 18.73 14.78 -17.61
CA GLU A 15 19.21 13.72 -16.72
C GLU A 15 18.72 13.87 -15.29
N VAL A 16 18.35 12.75 -14.70
CA VAL A 16 18.03 12.65 -13.27
C VAL A 16 18.71 11.38 -12.74
N GLY A 17 19.78 11.57 -11.97
CA GLY A 17 20.67 10.47 -11.61
C GLY A 17 21.18 9.85 -12.89
N ASP A 18 20.98 8.54 -13.04
CA ASP A 18 21.42 7.84 -14.24
C ASP A 18 20.26 7.55 -15.21
N SER A 19 19.21 8.37 -15.15
CA SER A 19 18.01 8.24 -15.99
C SER A 19 17.77 9.47 -16.86
N THR A 20 17.43 9.25 -18.12
CA THR A 20 16.96 10.35 -18.96
C THR A 20 15.44 10.48 -18.86
N PHE A 21 14.99 11.56 -18.25
CA PHE A 21 13.59 11.95 -18.28
C PHE A 21 13.33 12.74 -19.56
N THR A 22 12.34 12.28 -20.31
CA THR A 22 11.92 12.94 -21.54
C THR A 22 10.45 13.30 -21.38
N VAL A 23 10.21 14.55 -21.02
CA VAL A 23 8.88 14.96 -20.63
C VAL A 23 8.34 16.12 -21.46
N LEU A 24 7.02 16.22 -21.46
CA LEU A 24 6.24 17.31 -22.02
C LEU A 24 6.77 18.61 -21.45
N LYS A 25 6.92 19.64 -22.27
CA LYS A 25 7.55 20.92 -21.88
C LYS A 25 6.87 21.68 -20.72
N ARG A 26 5.57 21.46 -20.55
CA ARG A 26 4.81 22.03 -19.43
C ARG A 26 5.37 21.68 -18.05
N TYR A 27 6.14 20.59 -17.97
CA TYR A 27 6.74 20.19 -16.70
C TYR A 27 8.20 20.66 -16.64
N GLN A 28 8.52 21.54 -15.69
CA GLN A 28 9.90 22.04 -15.57
C GLN A 28 10.45 21.82 -14.19
N ASN A 29 11.77 21.90 -14.10
CA ASN A 29 12.47 21.90 -12.84
C ASN A 29 12.23 20.60 -12.11
N LEU A 30 12.75 19.54 -12.70
CA LEU A 30 12.63 18.20 -12.15
C LEU A 30 13.58 17.99 -10.99
N LYS A 31 13.03 17.49 -9.89
CA LYS A 31 13.78 17.11 -8.70
C LYS A 31 13.49 15.62 -8.44
N PRO A 32 14.54 14.78 -8.31
CA PRO A 32 14.30 13.37 -7.97
C PRO A 32 13.87 13.24 -6.51
N ILE A 33 12.65 12.77 -6.29
CA ILE A 33 12.13 12.64 -4.94
C ILE A 33 12.19 11.19 -4.44
N GLY A 34 12.72 10.30 -5.29
CA GLY A 34 12.85 8.89 -4.92
C GLY A 34 12.87 7.94 -6.10
N SER A 35 13.31 6.72 -5.81
CA SER A 35 13.42 5.63 -6.79
C SER A 35 13.14 4.29 -6.09
N GLY A 36 11.87 3.94 -5.95
CA GLY A 36 11.47 2.78 -5.17
C GLY A 36 11.41 1.47 -5.92
N ALA A 37 10.21 1.10 -6.34
CA ALA A 37 9.95 -0.21 -6.96
C ALA A 37 9.59 -0.12 -8.45
N GLN A 38 8.67 0.79 -8.78
CA GLN A 38 8.12 0.87 -10.14
C GLN A 38 8.99 1.68 -11.11
N GLY A 39 9.89 2.50 -10.56
CA GLY A 39 10.80 3.29 -11.37
C GLY A 39 11.30 4.52 -10.64
N ILE A 40 11.64 5.56 -11.41
CA ILE A 40 12.08 6.83 -10.83
C ILE A 40 10.91 7.80 -10.77
N VAL A 41 10.88 8.57 -9.69
CA VAL A 41 9.83 9.57 -9.48
C VAL A 41 10.48 10.94 -9.31
N CYS A 42 9.96 11.92 -10.04
CA CYS A 42 10.43 13.31 -9.95
C CYS A 42 9.33 14.25 -9.48
N ALA A 43 9.72 15.27 -8.72
CA ALA A 43 8.84 16.40 -8.50
C ALA A 43 9.08 17.38 -9.65
N ALA A 44 8.03 18.08 -10.06
CA ALA A 44 8.15 19.03 -11.15
C ALA A 44 7.15 20.14 -10.99
N TYR A 45 7.47 21.31 -11.55
CA TYR A 45 6.48 22.35 -11.68
C TYR A 45 5.72 22.18 -13.01
N ASP A 46 4.39 22.19 -12.95
CA ASP A 46 3.53 22.09 -14.13
C ASP A 46 2.99 23.49 -14.50
N ALA A 47 3.65 24.11 -15.49
CA ALA A 47 3.27 25.45 -15.93
C ALA A 47 1.80 25.62 -16.40
N VAL A 48 1.17 24.54 -16.86
CA VAL A 48 -0.21 24.66 -17.36
C VAL A 48 -1.19 24.82 -16.21
N LEU A 49 -1.13 23.91 -15.25
CA LEU A 49 -1.99 23.91 -14.06
C LEU A 49 -1.50 24.80 -12.90
N ASP A 50 -0.27 25.30 -13.02
CA ASP A 50 0.30 26.23 -12.04
C ASP A 50 0.44 25.56 -10.67
N ARG A 51 1.03 24.37 -10.67
CA ARG A 51 1.29 23.65 -9.42
C ARG A 51 2.43 22.66 -9.57
N ASN A 52 2.96 22.21 -8.43
CA ASN A 52 3.93 21.14 -8.43
C ASN A 52 3.27 19.78 -8.51
N VAL A 53 3.93 18.87 -9.24
CA VAL A 53 3.43 17.52 -9.42
C VAL A 53 4.55 16.49 -9.25
N ALA A 54 4.13 15.23 -9.19
CA ALA A 54 5.04 14.10 -9.19
C ALA A 54 4.97 13.42 -10.54
N ILE A 55 6.14 13.03 -11.06
CA ILE A 55 6.21 12.33 -12.35
C ILE A 55 6.96 11.01 -12.25
N LYS A 56 6.24 9.91 -12.47
CA LYS A 56 6.84 8.59 -12.41
C LYS A 56 7.09 8.00 -13.79
N LYS A 57 8.36 7.66 -14.04
CA LYS A 57 8.78 7.02 -15.29
C LYS A 57 8.80 5.49 -15.17
N LEU A 58 8.01 4.86 -16.01
CA LEU A 58 8.04 3.41 -16.15
C LEU A 58 8.93 3.07 -17.34
N SER A 59 10.01 2.34 -17.09
CA SER A 59 10.91 1.95 -18.19
C SER A 59 10.59 0.58 -18.70
N ARG A 60 10.26 0.49 -19.98
CA ARG A 60 9.90 -0.78 -20.60
C ARG A 60 9.02 -1.62 -19.68
N PRO A 61 7.79 -1.12 -19.36
CA PRO A 61 6.83 -1.76 -18.44
C PRO A 61 6.45 -3.17 -18.88
N PHE A 62 6.47 -3.40 -20.18
CA PHE A 62 6.09 -4.66 -20.80
C PHE A 62 7.26 -5.63 -20.84
N GLN A 63 8.39 -5.27 -20.23
CA GLN A 63 9.58 -6.10 -20.28
C GLN A 63 9.36 -7.50 -19.70
N ASN A 64 8.63 -7.59 -18.59
CA ASN A 64 8.14 -8.88 -18.11
C ASN A 64 6.67 -8.88 -17.66
N GLN A 65 6.16 -10.05 -17.30
CA GLN A 65 4.72 -10.19 -17.01
C GLN A 65 4.28 -9.55 -15.69
N THR A 66 5.22 -9.42 -14.74
CA THR A 66 4.92 -8.79 -13.47
C THR A 66 4.89 -7.28 -13.64
N HIS A 67 5.95 -6.71 -14.19
CA HIS A 67 5.97 -5.28 -14.47
C HIS A 67 4.81 -4.85 -15.35
N ALA A 68 4.43 -5.70 -16.30
CA ALA A 68 3.35 -5.39 -17.26
C ALA A 68 1.95 -5.45 -16.64
N LYS A 69 1.71 -6.47 -15.84
CA LYS A 69 0.40 -6.62 -15.19
C LYS A 69 0.20 -5.54 -14.13
N ARG A 70 1.26 -5.24 -13.38
CA ARG A 70 1.23 -4.16 -12.40
C ARG A 70 1.11 -2.79 -13.08
N ALA A 71 1.83 -2.57 -14.17
CA ALA A 71 1.74 -1.29 -14.86
C ALA A 71 0.38 -1.07 -15.55
N TYR A 72 -0.13 -2.09 -16.22
CA TYR A 72 -1.47 -2.06 -16.81
C TYR A 72 -2.54 -1.80 -15.74
N ARG A 73 -2.59 -2.68 -14.74
CA ARG A 73 -3.53 -2.56 -13.62
C ARG A 73 -3.53 -1.18 -12.97
N GLU A 74 -2.33 -0.65 -12.76
CA GLU A 74 -2.13 0.69 -12.20
C GLU A 74 -2.78 1.78 -13.06
N LEU A 75 -2.67 1.66 -14.38
CA LEU A 75 -3.20 2.65 -15.31
C LEU A 75 -4.72 2.68 -15.34
N VAL A 76 -5.33 1.49 -15.43
CA VAL A 76 -6.78 1.35 -15.52
C VAL A 76 -7.45 1.87 -14.24
N LEU A 77 -6.90 1.45 -13.10
CA LEU A 77 -7.50 1.77 -11.82
C LEU A 77 -7.30 3.24 -11.48
N MET A 78 -6.13 3.77 -11.81
CA MET A 78 -5.83 5.18 -11.52
C MET A 78 -6.75 6.12 -12.30
N LYS A 79 -7.29 5.61 -13.39
CA LYS A 79 -8.26 6.36 -14.20
C LYS A 79 -9.66 6.33 -13.59
N CYS A 80 -10.14 5.13 -13.24
CA CYS A 80 -11.56 4.97 -12.88
C CYS A 80 -11.95 5.13 -11.40
N VAL A 81 -10.99 5.06 -10.48
CA VAL A 81 -11.28 5.36 -9.06
C VAL A 81 -11.08 6.83 -8.72
N ASN A 82 -12.11 7.42 -8.13
CA ASN A 82 -12.10 8.82 -7.76
C ASN A 82 -12.36 8.98 -6.26
N HIS A 83 -11.29 8.88 -5.48
CA HIS A 83 -11.37 9.03 -4.03
C HIS A 83 -10.14 9.74 -3.52
N LYS A 84 -10.37 10.67 -2.61
CA LYS A 84 -9.33 11.59 -2.17
C LYS A 84 -8.18 10.94 -1.40
N ASN A 85 -8.37 9.68 -0.97
CA ASN A 85 -7.37 8.90 -0.24
C ASN A 85 -6.59 7.84 -1.07
N ILE A 86 -6.61 8.02 -2.40
CA ILE A 86 -6.01 7.10 -3.35
C ILE A 86 -5.45 8.03 -4.40
N ILE A 87 -4.15 7.91 -4.69
CA ILE A 87 -3.52 8.84 -5.62
C ILE A 87 -4.26 8.70 -6.95
N SER A 88 -4.46 9.83 -7.61
CA SER A 88 -5.07 9.81 -8.94
C SER A 88 -4.13 10.49 -9.92
N LEU A 89 -4.31 10.08 -11.17
CA LEU A 89 -3.53 10.51 -12.30
C LEU A 89 -4.01 11.87 -12.81
N LEU A 90 -3.09 12.83 -12.91
CA LEU A 90 -3.38 14.11 -13.52
C LEU A 90 -3.20 14.00 -15.03
N ASN A 91 -2.13 13.31 -15.45
CA ASN A 91 -1.82 13.11 -16.85
C ASN A 91 -1.05 11.79 -17.07
N VAL A 92 -1.05 11.29 -18.30
CA VAL A 92 -0.28 10.11 -18.74
C VAL A 92 0.32 10.45 -20.09
N PHE A 93 1.59 10.11 -20.32
CA PHE A 93 2.16 10.27 -21.66
C PHE A 93 3.24 9.27 -22.00
N THR A 94 3.56 9.20 -23.30
CA THR A 94 4.74 8.54 -23.82
C THR A 94 5.36 9.46 -24.86
N PRO A 95 6.70 9.64 -24.81
CA PRO A 95 7.43 10.47 -25.77
C PRO A 95 7.44 9.86 -27.16
N GLN A 96 7.33 8.55 -27.23
CA GLN A 96 7.45 7.81 -28.47
C GLN A 96 6.17 7.86 -29.27
N LYS A 97 6.32 7.83 -30.59
CA LYS A 97 5.26 8.24 -31.51
C LYS A 97 4.38 7.07 -31.95
N THR A 98 4.94 5.86 -31.95
CA THR A 98 4.24 4.69 -32.49
C THR A 98 4.45 3.45 -31.62
N LEU A 99 3.75 2.38 -31.93
CA LEU A 99 3.82 1.14 -31.16
C LEU A 99 5.19 0.45 -31.15
N GLU A 100 5.93 0.53 -32.26
CA GLU A 100 7.25 -0.11 -32.35
C GLU A 100 8.30 0.67 -31.60
N GLU A 101 8.25 1.98 -31.73
CA GLU A 101 9.21 2.84 -31.04
C GLU A 101 8.94 2.88 -29.55
N PHE A 102 7.67 2.67 -29.19
CA PHE A 102 7.17 2.79 -27.82
C PHE A 102 8.09 2.12 -26.78
N GLN A 103 8.53 2.93 -25.80
CA GLN A 103 9.37 2.44 -24.71
C GLN A 103 8.71 2.69 -23.36
N ASP A 104 8.45 3.96 -23.06
CA ASP A 104 8.23 4.37 -21.68
C ASP A 104 6.86 5.00 -21.46
N VAL A 105 6.42 4.97 -20.20
CA VAL A 105 5.17 5.62 -19.81
C VAL A 105 5.47 6.55 -18.65
N TYR A 106 4.90 7.75 -18.70
CA TYR A 106 5.02 8.69 -17.59
C TYR A 106 3.67 8.92 -16.94
N LEU A 107 3.65 8.66 -15.63
CA LEU A 107 2.49 8.95 -14.80
C LEU A 107 2.67 10.28 -14.07
N VAL A 108 1.71 11.17 -14.25
CA VAL A 108 1.66 12.45 -13.55
C VAL A 108 0.60 12.41 -12.44
N MET A 109 1.06 12.63 -11.21
CA MET A 109 0.17 12.57 -10.07
C MET A 109 0.34 13.82 -9.22
N GLU A 110 -0.70 14.11 -8.44
CA GLU A 110 -0.65 15.16 -7.44
C GLU A 110 0.53 14.89 -6.53
N LEU A 111 1.25 15.94 -6.13
CA LEU A 111 2.47 15.76 -5.35
C LEU A 111 2.15 15.76 -3.86
N MET A 112 2.67 14.75 -3.17
CA MET A 112 2.58 14.67 -1.72
C MET A 112 3.94 15.01 -1.15
N ASP A 113 4.01 15.17 0.18
CA ASP A 113 5.22 15.65 0.85
C ASP A 113 6.18 14.56 1.29
N ALA A 114 5.66 13.37 1.58
CA ALA A 114 6.44 12.27 2.16
C ALA A 114 5.59 11.00 2.20
N ASN A 115 6.21 9.88 2.54
CA ASN A 115 5.49 8.62 2.81
C ASN A 115 5.53 8.32 4.30
N LEU A 116 5.07 7.13 4.71
CA LEU A 116 4.97 6.81 6.13
C LEU A 116 6.26 6.43 6.84
N CYS A 117 7.24 5.90 6.09
CA CYS A 117 8.55 5.56 6.64
C CYS A 117 9.11 6.74 7.41
N GLN A 118 8.88 7.94 6.88
CA GLN A 118 9.35 9.18 7.51
C GLN A 118 8.48 9.58 8.71
N VAL A 119 7.17 9.36 8.60
CA VAL A 119 6.23 9.62 9.70
C VAL A 119 6.52 8.65 10.85
N ILE A 120 6.97 7.45 10.51
CA ILE A 120 7.22 6.39 11.49
C ILE A 120 8.29 6.81 12.50
N GLN A 121 9.21 7.66 12.07
CA GLN A 121 10.27 8.18 12.93
C GLN A 121 9.87 9.43 13.73
N MET A 122 8.60 9.82 13.66
CA MET A 122 8.09 10.94 14.45
C MET A 122 7.19 10.47 15.59
N GLU A 123 6.93 11.36 16.55
CA GLU A 123 5.96 11.09 17.61
C GLU A 123 4.66 11.84 17.32
N LEU A 124 3.67 11.16 16.77
CA LEU A 124 2.37 11.84 16.49
C LEU A 124 1.52 11.98 17.74
N ASP A 125 0.85 13.10 17.87
CA ASP A 125 -0.24 13.20 18.84
C ASP A 125 -1.31 12.18 18.42
N HIS A 126 -2.26 11.94 19.31
CA HIS A 126 -3.36 11.00 19.01
C HIS A 126 -4.25 11.44 17.87
N GLU A 127 -4.43 12.75 17.74
CA GLU A 127 -5.36 13.32 16.78
C GLU A 127 -4.91 13.08 15.33
N ARG A 128 -3.60 13.24 15.11
CA ARG A 128 -2.97 13.00 13.81
C ARG A 128 -2.93 11.51 13.48
N MET A 129 -2.42 10.72 14.42
CA MET A 129 -2.38 9.27 14.26
C MET A 129 -3.75 8.68 13.95
N SER A 130 -4.76 8.99 14.78
CA SER A 130 -6.13 8.53 14.48
C SER A 130 -6.58 8.95 13.07
N TYR A 131 -6.37 10.21 12.71
CA TYR A 131 -6.73 10.70 11.37
C TYR A 131 -6.05 9.95 10.22
N LEU A 132 -4.70 9.85 10.26
CA LEU A 132 -3.94 9.06 9.30
C LEU A 132 -4.57 7.69 9.11
N LEU A 133 -4.70 6.96 10.20
CA LEU A 133 -5.33 5.65 10.22
C LEU A 133 -6.78 5.61 9.66
N TYR A 134 -7.59 6.61 10.01
CA TYR A 134 -8.96 6.72 9.50
C TYR A 134 -8.92 6.81 7.97
N GLN A 135 -7.89 7.47 7.44
CA GLN A 135 -7.80 7.68 6.00
C GLN A 135 -7.30 6.45 5.27
N MET A 136 -6.52 5.62 5.95
CA MET A 136 -6.09 4.35 5.35
C MET A 136 -7.34 3.48 5.26
N LEU A 137 -8.15 3.54 6.30
CA LEU A 137 -9.39 2.81 6.33
C LEU A 137 -10.36 3.19 5.19
N CYS A 138 -10.59 4.48 5.01
CA CYS A 138 -11.47 4.97 3.91
C CYS A 138 -10.92 4.61 2.53
N GLY A 139 -9.60 4.67 2.37
CA GLY A 139 -8.93 4.33 1.13
C GLY A 139 -9.18 2.87 0.86
N ILE A 140 -9.00 2.06 1.89
CA ILE A 140 -9.11 0.62 1.79
C ILE A 140 -10.55 0.22 1.54
N LYS A 141 -11.48 0.80 2.30
CA LYS A 141 -12.89 0.46 2.14
C LYS A 141 -13.32 0.70 0.71
N HIS A 142 -12.89 1.83 0.14
CA HIS A 142 -13.28 2.17 -1.22
C HIS A 142 -12.84 1.11 -2.23
N LEU A 143 -11.54 0.77 -2.18
CA LEU A 143 -10.98 -0.31 -2.98
C LEU A 143 -11.81 -1.60 -2.86
N HIS A 144 -12.12 -1.99 -1.61
CA HIS A 144 -12.92 -3.19 -1.32
C HIS A 144 -14.34 -3.10 -1.90
N SER A 145 -14.93 -1.90 -1.88
CA SER A 145 -16.28 -1.69 -2.40
C SER A 145 -16.32 -1.85 -3.93
N ALA A 146 -15.14 -2.06 -4.52
CA ALA A 146 -15.03 -2.29 -5.96
C ALA A 146 -14.32 -3.59 -6.30
N GLY A 147 -14.22 -4.48 -5.33
CA GLY A 147 -13.67 -5.82 -5.56
C GLY A 147 -12.16 -5.93 -5.46
N ILE A 148 -11.48 -4.81 -5.19
CA ILE A 148 -10.02 -4.79 -5.06
C ILE A 148 -9.56 -5.02 -3.62
N ILE A 149 -8.91 -6.16 -3.39
CA ILE A 149 -8.22 -6.40 -2.12
C ILE A 149 -6.72 -6.17 -2.33
N HIS A 150 -6.18 -5.24 -1.56
CA HIS A 150 -4.82 -4.76 -1.73
C HIS A 150 -3.80 -5.88 -1.49
N ARG A 151 -3.75 -6.34 -0.24
CA ARG A 151 -2.83 -7.40 0.20
C ARG A 151 -1.35 -6.97 0.22
N ASP A 152 -1.09 -5.69 -0.01
CA ASP A 152 0.28 -5.23 -0.08
C ASP A 152 0.56 -3.83 0.45
N LEU A 153 -0.16 -3.43 1.48
CA LEU A 153 0.09 -2.13 2.10
C LEU A 153 1.42 -2.12 2.84
N LYS A 154 2.19 -1.06 2.64
CA LYS A 154 3.36 -0.81 3.45
C LYS A 154 3.61 0.69 3.57
N PRO A 155 4.53 1.09 4.46
CA PRO A 155 4.77 2.52 4.64
C PRO A 155 5.26 3.26 3.39
N SER A 156 5.96 2.58 2.49
CA SER A 156 6.43 3.24 1.27
C SER A 156 5.35 3.49 0.20
N ASN A 157 4.27 2.71 0.22
CA ASN A 157 3.12 2.88 -0.69
C ASN A 157 2.03 3.80 -0.15
N ILE A 158 2.32 4.50 0.92
CA ILE A 158 1.34 5.39 1.52
C ILE A 158 2.01 6.73 1.77
N VAL A 159 1.55 7.75 1.05
CA VAL A 159 2.16 9.08 1.09
C VAL A 159 1.30 10.08 1.84
N VAL A 160 1.95 11.09 2.40
CA VAL A 160 1.28 12.08 3.25
C VAL A 160 1.64 13.54 2.92
N LYS A 161 0.71 14.41 3.29
CA LYS A 161 0.88 15.86 3.21
C LYS A 161 1.11 16.43 4.60
N SER A 162 1.63 17.66 4.65
CA SER A 162 1.93 18.35 5.90
C SER A 162 0.69 18.70 6.71
N ASP A 163 -0.44 18.91 6.02
CA ASP A 163 -1.72 19.13 6.73
C ASP A 163 -2.36 17.82 7.16
N CYS A 164 -1.56 16.75 7.11
CA CYS A 164 -1.95 15.42 7.59
C CYS A 164 -2.90 14.62 6.67
N THR A 165 -3.07 15.07 5.44
CA THR A 165 -3.85 14.30 4.48
C THR A 165 -3.02 13.12 3.97
N LEU A 166 -3.70 12.04 3.62
CA LEU A 166 -3.05 10.78 3.28
C LEU A 166 -3.67 10.16 2.04
N LYS A 167 -2.82 9.60 1.19
CA LYS A 167 -3.27 8.79 0.05
C LYS A 167 -2.48 7.51 -0.10
N ILE A 168 -3.17 6.51 -0.60
CA ILE A 168 -2.59 5.22 -0.92
C ILE A 168 -2.11 5.27 -2.37
N LEU A 169 -0.84 4.90 -2.56
CA LEU A 169 -0.10 5.05 -3.82
C LEU A 169 -0.43 4.06 -4.93
N ASP A 170 -0.53 2.77 -4.58
CA ASP A 170 -0.72 1.71 -5.58
C ASP A 170 -1.86 0.77 -5.17
N PHE A 171 -2.19 -0.20 -6.02
CA PHE A 171 -3.41 -1.01 -5.85
C PHE A 171 -3.14 -2.45 -5.51
N GLY A 172 -1.87 -2.71 -5.17
CA GLY A 172 -1.47 -3.97 -4.57
C GLY A 172 -1.30 -5.09 -5.55
N LEU A 173 -1.39 -6.31 -5.04
CA LEU A 173 -1.25 -7.51 -5.83
C LEU A 173 -2.56 -7.87 -6.54
N ALA A 174 -2.46 -8.64 -7.61
CA ALA A 174 -3.65 -9.15 -8.32
C ALA A 174 -4.03 -10.54 -7.81
N ARG A 175 -4.94 -11.21 -8.50
CA ARG A 175 -5.38 -12.56 -8.12
C ARG A 175 -4.63 -13.68 -8.86
N THR A 176 -3.32 -13.51 -9.04
CA THR A 176 -2.48 -14.52 -9.69
C THR A 176 -1.15 -14.73 -8.94
N SER A 180 5.90 -15.10 -13.10
CA SER A 180 5.81 -14.49 -11.78
C SER A 180 7.17 -14.21 -11.14
N PHE A 181 8.22 -14.82 -11.67
CA PHE A 181 9.62 -14.63 -11.23
C PHE A 181 10.21 -13.35 -11.82
N MET A 182 11.24 -12.80 -11.16
CA MET A 182 11.82 -11.53 -11.61
C MET A 182 13.33 -11.37 -11.39
N MET A 183 14.02 -10.97 -12.45
CA MET A 183 15.44 -10.71 -12.40
C MET A 183 15.66 -9.30 -11.86
N THR A 184 15.69 -9.18 -10.54
CA THR A 184 15.83 -7.88 -9.88
C THR A 184 16.90 -7.90 -8.77
N PRO A 185 17.58 -6.75 -8.54
CA PRO A 185 18.38 -6.56 -7.32
C PRO A 185 17.54 -6.16 -6.10
N TYR A 186 16.27 -5.79 -6.36
CA TYR A 186 15.37 -5.33 -5.32
C TYR A 186 14.60 -6.48 -4.66
N VAL A 187 14.88 -6.70 -3.37
CA VAL A 187 14.13 -7.66 -2.55
C VAL A 187 12.74 -7.07 -2.24
N VAL A 188 11.73 -7.94 -2.17
CA VAL A 188 10.37 -7.48 -1.84
C VAL A 188 10.18 -7.50 -0.32
N THR A 189 9.39 -6.54 0.17
CA THR A 189 9.04 -6.46 1.59
C THR A 189 7.85 -7.34 1.90
N ARG A 190 8.04 -8.28 2.83
CA ARG A 190 6.98 -9.21 3.25
C ARG A 190 6.45 -8.88 4.66
N TYR A 191 7.08 -7.89 5.30
CA TYR A 191 6.86 -7.57 6.71
C TYR A 191 5.41 -7.30 7.10
N TYR A 192 4.58 -6.94 6.12
CA TYR A 192 3.25 -6.43 6.37
C TYR A 192 2.19 -7.41 5.84
N ARG A 193 2.68 -8.56 5.38
CA ARG A 193 1.88 -9.66 4.85
C ARG A 193 1.14 -10.44 5.94
N ALA A 194 -0.16 -10.65 5.71
CA ALA A 194 -1.04 -11.36 6.63
C ALA A 194 -0.71 -12.86 6.70
N PRO A 195 -0.85 -13.49 7.90
CA PRO A 195 -0.62 -14.93 8.03
C PRO A 195 -1.30 -15.79 6.98
N GLU A 196 -2.55 -15.48 6.61
CA GLU A 196 -3.27 -16.23 5.58
C GLU A 196 -2.59 -16.16 4.21
N VAL A 197 -1.87 -15.07 3.94
CA VAL A 197 -1.01 -14.96 2.76
C VAL A 197 0.31 -15.73 2.99
N ILE A 198 0.93 -15.55 4.15
CA ILE A 198 2.20 -16.23 4.49
C ILE A 198 2.04 -17.76 4.43
N LEU A 199 0.98 -18.27 5.06
CA LEU A 199 0.74 -19.70 5.13
C LEU A 199 -0.05 -20.23 3.94
N GLY A 200 -0.51 -19.31 3.10
CA GLY A 200 -1.20 -19.64 1.86
C GLY A 200 -2.52 -20.36 2.08
N MET A 201 -3.43 -19.74 2.82
CA MET A 201 -4.71 -20.36 3.14
C MET A 201 -5.93 -19.62 2.57
N GLY A 202 -5.69 -18.68 1.67
CA GLY A 202 -6.79 -17.89 1.10
C GLY A 202 -7.19 -16.79 2.07
N TYR A 203 -7.86 -15.78 1.54
CA TYR A 203 -8.00 -14.50 2.23
C TYR A 203 -9.36 -13.86 1.92
N LYS A 204 -9.78 -12.90 2.74
CA LYS A 204 -10.98 -12.10 2.46
C LYS A 204 -10.65 -10.61 2.66
N GLU A 205 -11.66 -9.74 2.67
CA GLU A 205 -11.42 -8.30 2.86
C GLU A 205 -10.42 -7.97 3.98
N ASN A 206 -10.61 -8.55 5.17
CA ASN A 206 -9.87 -8.09 6.35
C ASN A 206 -8.40 -8.56 6.37
N VAL A 207 -7.92 -9.03 5.22
CA VAL A 207 -6.52 -9.37 5.04
C VAL A 207 -5.71 -8.06 5.08
N ASP A 208 -6.31 -7.00 4.56
CA ASP A 208 -5.71 -5.68 4.56
C ASP A 208 -5.56 -5.08 5.96
N ILE A 209 -6.43 -5.48 6.88
CA ILE A 209 -6.38 -4.97 8.25
C ILE A 209 -5.23 -5.54 9.08
N TRP A 210 -4.65 -6.63 8.64
CA TRP A 210 -3.42 -7.11 9.26
C TRP A 210 -2.34 -6.12 8.96
N SER A 211 -2.30 -5.67 7.71
CA SER A 211 -1.30 -4.75 7.22
C SER A 211 -1.36 -3.39 7.93
N VAL A 212 -2.59 -2.83 8.04
CA VAL A 212 -2.87 -1.61 8.81
C VAL A 212 -2.41 -1.72 10.25
N GLY A 213 -2.68 -2.87 10.87
CA GLY A 213 -2.29 -3.10 12.26
C GLY A 213 -0.73 -3.13 12.38
N CYS A 214 -0.05 -3.58 11.32
CA CYS A 214 1.42 -3.68 11.33
C CYS A 214 2.01 -2.31 11.24
N ILE A 215 1.42 -1.47 10.38
CA ILE A 215 1.85 -0.09 10.21
C ILE A 215 1.63 0.68 11.52
N MET A 216 0.42 0.55 12.07
CA MET A 216 0.03 1.25 13.30
C MET A 216 0.94 0.87 14.45
N GLY A 217 1.26 -0.40 14.53
CA GLY A 217 2.18 -0.90 15.55
C GLY A 217 3.58 -0.31 15.39
N GLU A 218 4.01 -0.18 14.13
CA GLU A 218 5.29 0.45 13.80
C GLU A 218 5.29 1.94 14.12
N MET A 219 4.15 2.62 13.91
CA MET A 219 4.09 4.06 14.22
C MET A 219 4.29 4.30 15.72
N VAL A 220 3.77 3.36 16.51
CA VAL A 220 3.84 3.41 17.97
C VAL A 220 5.24 3.04 18.46
N ARG A 221 5.74 1.88 18.01
CA ARG A 221 6.97 1.32 18.55
C ARG A 221 8.21 1.88 17.85
N HIS A 222 8.00 2.49 16.69
CA HIS A 222 9.05 3.10 15.84
C HIS A 222 9.99 2.08 15.22
N LYS A 223 9.62 0.81 15.33
CA LYS A 223 10.35 -0.29 14.69
C LYS A 223 9.37 -1.22 14.00
N ILE A 224 9.86 -1.89 12.96
CA ILE A 224 9.10 -2.90 12.25
C ILE A 224 8.72 -4.01 13.23
N LEU A 225 7.43 -4.33 13.29
CA LEU A 225 6.93 -5.37 14.17
C LEU A 225 7.51 -6.75 13.88
N PHE A 226 7.52 -7.14 12.61
CA PHE A 226 7.80 -8.51 12.23
C PHE A 226 8.88 -8.56 11.13
N PRO A 227 10.14 -8.23 11.48
CA PRO A 227 11.15 -7.92 10.45
C PRO A 227 11.88 -9.11 9.81
N GLY A 228 11.16 -10.12 9.35
CA GLY A 228 11.77 -11.36 8.82
C GLY A 228 12.42 -11.30 7.45
N ARG A 229 13.48 -12.09 7.26
CA ARG A 229 14.22 -12.12 5.98
C ARG A 229 13.53 -13.01 4.92
N ASP A 230 12.77 -13.99 5.40
CA ASP A 230 11.98 -14.87 4.55
C ASP A 230 10.69 -15.19 5.28
N TYR A 231 9.75 -15.83 4.59
CA TYR A 231 8.46 -16.22 5.18
C TYR A 231 8.58 -17.10 6.43
N ILE A 232 9.66 -17.87 6.53
CA ILE A 232 9.90 -18.72 7.71
C ILE A 232 10.29 -17.85 8.92
N ASP A 233 11.31 -17.02 8.72
CA ASP A 233 11.77 -16.06 9.71
C ASP A 233 10.66 -15.08 10.11
N GLN A 234 9.77 -14.80 9.16
CA GLN A 234 8.61 -13.92 9.35
C GLN A 234 7.59 -14.54 10.29
N TRP A 235 7.22 -15.79 10.01
CA TRP A 235 6.30 -16.53 10.85
C TRP A 235 6.81 -16.66 12.28
N ASN A 236 8.11 -16.88 12.44
CA ASN A 236 8.75 -16.99 13.75
C ASN A 236 8.56 -15.73 14.58
N LYS A 237 8.82 -14.59 13.94
CA LYS A 237 8.65 -13.32 14.61
C LYS A 237 7.18 -13.00 14.90
N VAL A 238 6.27 -13.47 14.06
CA VAL A 238 4.83 -13.25 14.32
C VAL A 238 4.44 -13.95 15.61
N ILE A 239 4.76 -15.24 15.71
CA ILE A 239 4.36 -16.09 16.87
C ILE A 239 5.15 -15.88 18.18
N GLU A 240 6.35 -15.30 18.10
CA GLU A 240 7.05 -14.87 19.31
C GLU A 240 6.24 -13.77 20.00
N GLN A 241 5.95 -12.71 19.23
CA GLN A 241 5.20 -11.55 19.68
C GLN A 241 3.79 -11.93 20.17
N LEU A 242 2.96 -12.41 19.24
CA LEU A 242 1.53 -12.63 19.49
C LEU A 242 1.23 -14.00 20.03
N GLY A 243 2.21 -14.90 19.95
CA GLY A 243 2.04 -16.26 20.43
C GLY A 243 1.58 -17.22 19.36
N THR A 244 1.67 -18.51 19.66
CA THR A 244 1.17 -19.58 18.81
C THR A 244 -0.36 -19.49 18.71
N PRO A 245 -0.91 -19.46 17.48
CA PRO A 245 -2.36 -19.39 17.34
C PRO A 245 -3.02 -20.61 17.93
N CYS A 246 -4.32 -20.52 18.21
CA CYS A 246 -5.04 -21.59 18.86
C CYS A 246 -5.30 -22.73 17.87
N PRO A 247 -5.54 -23.96 18.39
CA PRO A 247 -6.02 -25.14 17.69
C PRO A 247 -7.03 -24.96 16.54
N GLU A 248 -8.10 -24.19 16.74
CA GLU A 248 -9.14 -24.07 15.70
C GLU A 248 -8.66 -23.28 14.46
N PHE A 249 -7.59 -22.51 14.60
CA PHE A 249 -6.97 -21.82 13.47
C PHE A 249 -6.19 -22.82 12.63
N MET A 250 -5.48 -23.69 13.32
CA MET A 250 -4.66 -24.72 12.68
C MET A 250 -5.52 -25.66 11.84
N LYS A 251 -6.77 -25.86 12.27
CA LYS A 251 -7.74 -26.67 11.53
C LYS A 251 -7.94 -26.18 10.08
N LYS A 252 -7.52 -24.95 9.80
CA LYS A 252 -7.71 -24.36 8.47
C LYS A 252 -6.50 -24.45 7.55
N LEU A 253 -5.44 -25.10 8.03
CA LEU A 253 -4.22 -25.24 7.25
C LEU A 253 -4.11 -26.59 6.56
N GLN A 254 -3.71 -26.56 5.29
CA GLN A 254 -3.43 -27.77 4.52
C GLN A 254 -2.40 -28.62 5.25
N PRO A 255 -2.56 -29.96 5.19
CA PRO A 255 -1.72 -30.88 5.96
C PRO A 255 -0.20 -30.66 5.79
N THR A 256 0.21 -30.17 4.63
CA THR A 256 1.63 -29.87 4.36
C THR A 256 2.13 -28.72 5.24
N VAL A 257 1.46 -27.57 5.14
CA VAL A 257 1.77 -26.38 5.92
C VAL A 257 1.35 -26.52 7.40
N ARG A 258 0.16 -27.09 7.63
CA ARG A 258 -0.29 -27.41 8.98
C ARG A 258 0.75 -28.21 9.77
N ASN A 259 1.33 -29.23 9.13
CA ASN A 259 2.41 -30.01 9.74
C ASN A 259 3.56 -29.13 10.20
N TYR A 260 4.00 -28.22 9.33
CA TYR A 260 5.07 -27.27 9.66
C TYR A 260 4.69 -26.37 10.82
N VAL A 261 3.52 -25.72 10.70
CA VAL A 261 3.01 -24.79 11.70
C VAL A 261 2.86 -25.48 13.06
N GLU A 262 2.22 -26.65 13.07
CA GLU A 262 2.00 -27.44 14.28
C GLU A 262 3.32 -27.86 14.97
N ASN A 263 4.37 -28.05 14.19
CA ASN A 263 5.65 -28.55 14.71
C ASN A 263 6.68 -27.48 15.03
N ARG A 264 6.24 -26.22 15.08
CA ARG A 264 7.11 -25.12 15.47
C ARG A 264 7.14 -25.02 17.00
N PRO A 265 8.28 -24.59 17.58
CA PRO A 265 8.31 -24.28 19.01
C PRO A 265 7.10 -23.41 19.39
N LYS A 266 6.44 -23.73 20.50
CA LYS A 266 5.26 -22.98 20.95
C LYS A 266 5.58 -21.73 21.78
N TYR A 267 4.66 -20.77 21.77
CA TYR A 267 4.68 -19.59 22.64
C TYR A 267 3.29 -19.30 23.16
N ALA A 268 3.22 -18.96 24.45
CA ALA A 268 1.99 -18.40 25.02
C ALA A 268 1.83 -17.01 24.42
N GLY A 269 2.95 -16.32 24.24
CA GLY A 269 3.01 -15.02 23.60
C GLY A 269 2.89 -13.87 24.58
N LEU A 270 3.28 -12.69 24.14
CA LEU A 270 3.18 -11.49 24.96
C LEU A 270 1.76 -10.91 24.94
N THR A 271 1.46 -10.05 25.93
CA THR A 271 0.17 -9.36 26.01
C THR A 271 0.32 -7.98 25.41
N PHE A 272 -0.80 -7.34 25.07
CA PHE A 272 -0.74 -6.04 24.39
C PHE A 272 -0.20 -4.88 25.21
N PRO A 273 -0.52 -4.82 26.52
CA PRO A 273 0.23 -3.91 27.38
C PRO A 273 1.75 -4.18 27.40
N LYS A 274 2.15 -5.45 27.35
CA LYS A 274 3.58 -5.77 27.33
C LYS A 274 4.24 -5.47 25.97
N LEU A 275 3.50 -5.71 24.89
CA LEU A 275 3.99 -5.46 23.53
C LEU A 275 3.99 -3.99 23.25
N PHE A 276 3.09 -3.28 23.92
CA PHE A 276 2.86 -1.86 23.66
C PHE A 276 2.59 -1.06 24.93
N PRO A 277 3.64 -0.88 25.78
CA PRO A 277 3.55 -0.13 27.05
C PRO A 277 3.02 1.29 26.86
N ASP A 278 2.53 1.89 27.93
CA ASP A 278 1.96 3.26 27.87
C ASP A 278 3.03 4.33 27.63
N SER A 279 4.30 3.97 27.83
CA SER A 279 5.41 4.87 27.60
C SER A 279 5.55 5.27 26.13
N LEU A 280 4.97 4.48 25.23
CA LEU A 280 5.07 4.74 23.80
C LEU A 280 4.06 5.76 23.30
N PHE A 281 2.93 5.89 24.01
CA PHE A 281 1.88 6.82 23.61
C PHE A 281 1.94 8.10 24.43
N PRO A 282 1.58 9.25 23.81
CA PRO A 282 1.21 10.41 24.61
C PRO A 282 0.17 10.02 25.65
N ALA A 283 0.49 10.27 26.92
CA ALA A 283 -0.34 9.85 28.05
C ALA A 283 -0.03 10.69 29.28
N ASP A 284 0.14 12.00 29.07
CA ASP A 284 0.35 12.93 30.18
C ASP A 284 -0.98 13.47 30.70
N SER A 285 -1.87 13.88 29.80
CA SER A 285 -3.22 14.26 30.19
C SER A 285 -4.15 13.04 30.29
N GLU A 286 -5.33 13.26 30.85
CA GLU A 286 -6.40 12.26 30.89
C GLU A 286 -6.80 11.91 29.48
N HIS A 287 -7.00 12.93 28.65
CA HIS A 287 -7.30 12.74 27.23
C HIS A 287 -6.35 11.71 26.62
N ASN A 288 -5.06 11.98 26.76
CA ASN A 288 -4.02 11.12 26.23
C ASN A 288 -4.03 9.72 26.82
N LYS A 289 -4.18 9.62 28.14
CA LYS A 289 -4.37 8.34 28.83
C LYS A 289 -5.50 7.52 28.23
N LEU A 290 -6.69 8.14 28.08
CA LEU A 290 -7.83 7.46 27.47
C LEU A 290 -7.54 7.09 26.00
N LYS A 291 -6.96 8.01 25.23
CA LYS A 291 -6.66 7.70 23.84
C LYS A 291 -5.73 6.51 23.75
N ALA A 292 -4.71 6.46 24.62
CA ALA A 292 -3.72 5.41 24.60
C ALA A 292 -4.32 4.01 24.80
N SER A 293 -5.25 3.88 25.75
CA SER A 293 -5.94 2.60 25.95
C SER A 293 -6.85 2.22 24.77
N GLN A 294 -7.36 3.22 24.04
CA GLN A 294 -8.19 2.97 22.85
C GLN A 294 -7.33 2.64 21.65
N ALA A 295 -6.07 3.11 21.69
CA ALA A 295 -5.09 2.80 20.65
C ALA A 295 -4.70 1.34 20.76
N ARG A 296 -4.37 0.87 21.96
CA ARG A 296 -4.08 -0.56 22.18
C ARG A 296 -5.28 -1.44 21.88
N ASP A 297 -6.46 -1.05 22.34
CA ASP A 297 -7.68 -1.84 22.06
C ASP A 297 -7.82 -2.19 20.58
N LEU A 298 -7.76 -1.18 19.72
CA LEU A 298 -7.77 -1.37 18.28
C LEU A 298 -6.59 -2.22 17.73
N LEU A 299 -5.38 -1.91 18.19
CA LEU A 299 -4.18 -2.68 17.81
C LEU A 299 -4.42 -4.19 18.09
N SER A 300 -4.92 -4.49 19.28
CA SER A 300 -5.26 -5.87 19.70
C SER A 300 -6.36 -6.54 18.87
N LYS A 301 -7.05 -5.76 18.03
CA LYS A 301 -8.09 -6.32 17.16
C LYS A 301 -7.65 -6.43 15.71
N MET A 302 -6.72 -5.58 15.31
CA MET A 302 -6.15 -5.72 13.97
C MET A 302 -5.08 -6.80 13.98
N LEU A 303 -4.31 -6.88 15.05
CA LEU A 303 -3.21 -7.84 15.08
C LEU A 303 -3.64 -9.19 15.64
N VAL A 304 -4.69 -9.71 15.03
CA VAL A 304 -5.18 -11.06 15.29
C VAL A 304 -4.77 -11.95 14.13
N ILE A 305 -4.28 -13.14 14.45
CA ILE A 305 -3.71 -14.05 13.45
C ILE A 305 -4.82 -14.78 12.68
N ASP A 306 -5.74 -15.38 13.42
CA ASP A 306 -6.93 -16.02 12.84
C ASP A 306 -7.83 -14.91 12.28
N PRO A 307 -7.95 -14.80 10.93
CA PRO A 307 -8.82 -13.76 10.37
C PRO A 307 -10.32 -13.97 10.63
N ALA A 308 -10.70 -15.14 11.10
CA ALA A 308 -12.06 -15.36 11.59
C ALA A 308 -12.24 -14.55 12.89
N LYS A 309 -11.13 -14.16 13.52
CA LYS A 309 -11.17 -13.41 14.78
C LYS A 309 -10.46 -12.05 14.73
N ARG A 310 -10.27 -11.52 13.51
CA ARG A 310 -9.74 -10.19 13.30
C ARG A 310 -10.83 -9.20 12.91
N ILE A 311 -10.72 -7.99 13.45
CA ILE A 311 -11.63 -6.90 13.18
C ILE A 311 -11.72 -6.59 11.67
N SER A 312 -12.93 -6.30 11.20
CA SER A 312 -13.16 -5.99 9.81
C SER A 312 -12.97 -4.49 9.58
N VAL A 313 -12.91 -4.08 8.32
CA VAL A 313 -12.67 -2.69 7.98
C VAL A 313 -13.71 -1.77 8.62
N ASP A 314 -14.98 -2.13 8.47
CA ASP A 314 -16.10 -1.28 8.92
C ASP A 314 -16.18 -1.18 10.42
N ASP A 315 -15.91 -2.28 11.11
CA ASP A 315 -15.86 -2.27 12.56
C ASP A 315 -14.69 -1.41 13.07
N ALA A 316 -13.57 -1.40 12.35
CA ALA A 316 -12.43 -0.53 12.68
C ALA A 316 -12.76 0.94 12.47
N LEU A 317 -13.58 1.23 11.45
CA LEU A 317 -14.08 2.59 11.21
C LEU A 317 -15.03 3.01 12.31
N GLN A 318 -15.63 2.02 12.94
CA GLN A 318 -16.60 2.18 14.01
C GLN A 318 -15.95 2.30 15.37
N HIS A 319 -14.66 1.94 15.43
CA HIS A 319 -13.91 1.90 16.68
C HIS A 319 -13.87 3.30 17.26
N PRO A 320 -13.92 3.43 18.60
CA PRO A 320 -13.90 4.72 19.27
C PRO A 320 -12.70 5.61 18.95
N TYR A 321 -11.52 5.02 18.79
CA TYR A 321 -10.29 5.77 18.50
C TYR A 321 -10.35 6.37 17.12
N ILE A 322 -11.14 5.71 16.26
CA ILE A 322 -11.26 6.10 14.86
C ILE A 322 -12.49 6.97 14.65
N ASN A 323 -13.62 6.57 15.24
CA ASN A 323 -14.93 7.18 14.99
C ASN A 323 -15.02 8.71 15.09
N VAL A 324 -14.08 9.31 15.81
CA VAL A 324 -13.92 10.76 15.92
C VAL A 324 -14.09 11.47 14.57
N TRP A 325 -13.62 10.85 13.49
CA TRP A 325 -13.50 11.50 12.18
C TRP A 325 -14.53 11.06 11.15
N TYR A 326 -15.30 10.02 11.47
CA TYR A 326 -16.29 9.43 10.54
C TYR A 326 -17.10 10.42 9.68
N ASP A 327 -17.16 10.14 8.38
CA ASP A 327 -17.88 10.97 7.41
C ASP A 327 -18.44 10.09 6.29
N PRO A 328 -19.78 10.03 6.15
CA PRO A 328 -20.40 9.16 5.15
C PRO A 328 -19.94 9.50 3.74
N ALA A 329 -19.81 10.80 3.45
CA ALA A 329 -19.31 11.25 2.16
C ALA A 329 -18.00 10.55 1.80
N GLU A 330 -17.14 10.36 2.80
CA GLU A 330 -15.81 9.74 2.64
C GLU A 330 -15.84 8.23 2.78
N VAL A 331 -16.73 7.73 3.64
CA VAL A 331 -16.78 6.29 3.93
C VAL A 331 -17.64 5.50 2.94
N GLU A 332 -18.76 6.09 2.51
CA GLU A 332 -19.62 5.43 1.52
C GLU A 332 -19.74 6.28 0.27
N ALA A 333 -18.58 6.57 -0.33
CA ALA A 333 -18.47 7.19 -1.65
C ALA A 333 -18.88 6.12 -2.67
N PRO A 334 -19.52 6.54 -3.79
CA PRO A 334 -19.98 5.51 -4.73
C PRO A 334 -18.81 4.69 -5.29
N PRO A 335 -18.98 3.36 -5.39
CA PRO A 335 -17.95 2.45 -5.88
C PRO A 335 -17.49 2.79 -7.30
N PRO A 336 -16.17 2.65 -7.56
CA PRO A 336 -15.60 2.85 -8.88
C PRO A 336 -16.04 1.77 -9.85
N GLN A 337 -16.32 2.15 -11.10
CA GLN A 337 -16.71 1.21 -12.15
C GLN A 337 -15.47 0.82 -12.96
N ILE A 338 -15.18 -0.48 -12.99
CA ILE A 338 -14.04 -0.98 -13.74
C ILE A 338 -14.48 -1.70 -15.01
N TYR A 339 -14.08 -1.14 -16.16
CA TYR A 339 -14.44 -1.68 -17.48
C TYR A 339 -13.74 -3.00 -17.88
N ASP A 340 -12.48 -3.19 -17.46
CA ASP A 340 -11.66 -4.34 -17.88
C ASP A 340 -12.20 -5.71 -17.44
N LYS A 341 -12.51 -5.85 -16.15
CA LYS A 341 -13.24 -7.01 -15.63
C LYS A 341 -12.50 -8.37 -15.66
N GLN A 342 -11.55 -8.50 -16.58
CA GLN A 342 -10.60 -9.62 -16.57
C GLN A 342 -9.26 -9.13 -16.03
N LEU A 343 -9.29 -7.96 -15.41
CA LEU A 343 -8.12 -7.24 -14.93
C LEU A 343 -7.22 -8.04 -13.98
N ASP A 344 -7.84 -8.69 -12.99
CA ASP A 344 -7.10 -9.40 -11.95
C ASP A 344 -6.38 -10.69 -12.39
N GLU A 345 -6.84 -11.29 -13.47
CA GLU A 345 -6.39 -12.64 -13.83
C GLU A 345 -6.01 -12.86 -15.29
N ARG A 346 -5.81 -11.77 -16.03
CA ARG A 346 -5.48 -11.89 -17.45
C ARG A 346 -4.04 -12.31 -17.72
N GLU A 347 -3.88 -13.17 -18.71
CA GLU A 347 -2.59 -13.67 -19.14
C GLU A 347 -2.30 -13.14 -20.53
N HIS A 348 -1.06 -12.71 -20.74
CA HIS A 348 -0.60 -12.22 -22.04
C HIS A 348 0.90 -12.44 -22.18
N THR A 349 1.38 -12.39 -23.42
CA THR A 349 2.80 -12.42 -23.71
C THR A 349 3.26 -10.97 -23.69
N ILE A 350 4.57 -10.76 -23.73
CA ILE A 350 5.10 -9.39 -23.59
C ILE A 350 4.75 -8.46 -24.75
N GLU A 351 4.60 -9.04 -25.93
CA GLU A 351 4.18 -8.28 -27.10
C GLU A 351 2.71 -7.87 -26.96
N GLU A 352 1.89 -8.74 -26.39
CA GLU A 352 0.47 -8.44 -26.17
C GLU A 352 0.29 -7.38 -25.07
N TRP A 353 1.17 -7.40 -24.08
CA TRP A 353 1.13 -6.42 -22.99
C TRP A 353 1.46 -5.02 -23.51
N LYS A 354 2.53 -4.95 -24.31
CA LYS A 354 2.95 -3.71 -24.97
C LYS A 354 1.76 -3.06 -25.66
N GLU A 355 0.99 -3.85 -26.42
CA GLU A 355 -0.16 -3.32 -27.13
C GLU A 355 -1.29 -2.86 -26.20
N LEU A 356 -1.55 -3.63 -25.13
CA LEU A 356 -2.54 -3.21 -24.15
C LEU A 356 -2.18 -1.93 -23.41
N ILE A 357 -0.92 -1.83 -22.96
CA ILE A 357 -0.38 -0.65 -22.30
C ILE A 357 -0.40 0.58 -23.21
N TYR A 358 0.15 0.43 -24.42
CA TYR A 358 0.09 1.48 -25.41
C TYR A 358 -1.33 1.98 -25.69
N LYS A 359 -2.27 1.07 -25.91
CA LYS A 359 -3.67 1.44 -26.13
C LYS A 359 -4.21 2.21 -24.95
N GLU A 360 -3.71 1.90 -23.76
CA GLU A 360 -4.12 2.60 -22.54
C GLU A 360 -3.56 4.03 -22.45
N VAL A 361 -2.23 4.16 -22.60
CA VAL A 361 -1.57 5.48 -22.68
C VAL A 361 -2.14 6.38 -23.80
N MET A 362 -2.50 5.78 -24.93
CA MET A 362 -3.03 6.53 -26.08
C MET A 362 -4.56 6.70 -26.05
N ASN A 363 -5.29 5.59 -25.91
CA ASN A 363 -6.76 5.54 -25.98
C ASN A 363 -7.32 5.32 -27.39
#